data_4RQ8
#
_entry.id   4RQ8
#
_cell.length_a   50.220
_cell.length_b   82.540
_cell.length_c   54.740
_cell.angle_alpha   90.00
_cell.angle_beta   110.89
_cell.angle_gamma   90.00
#
_symmetry.space_group_name_H-M   'P 1 21 1'
#
loop_
_entity.id
_entity.type
_entity.pdbx_description
1 polymer 'DNA polymerase beta'
2 polymer "DNA (5'-D(P*GP*TP*CP*GP*G)-3')"
3 polymer "DNA (5'-D(*GP*CP*TP*GP*AP*TP*GP*CP*GP*CP*A)-3')"
4 polymer "DNA (5'-D(*CP*CP*GP*AP*CP*(8OG)P*GP*CP*GP*CP*AP*TP*CP*AP*GP*C)-3')"
5 non-polymer PYROPHOSPHATE
6 non-polymer 'MANGANESE (II) ION'
7 non-polymer 'SODIUM ION'
8 non-polymer 'CHLORIDE ION'
9 non-polymer 'ACETATE ION'
10 water water
#
loop_
_entity_poly.entity_id
_entity_poly.type
_entity_poly.pdbx_seq_one_letter_code
_entity_poly.pdbx_strand_id
1 'polypeptide(L)'
;MGMSKRKAPQETLNGGITDMLTELANFEKNVSQAIHKYNAYRKAASVIAKYPHKIKSGAEAKKLPGVGTKIAEKIDEFLA
TGKLRKLEKIRQDDTSSSINFLTRVSGIGPSAARKFVDEGIKTLEDLRKNEDKLNHHQRIGLKYFGDFEKRIPREEMLQM
QDIVLNEVKKVDSEYIATVCGSFRRGAESSGDMDVLLTHPSFTSESTKQPKLLHQVVEQLQKVHFITDTLSKGETKFMGV
CQLPSKNDEKEYPHRRIDIRLIPKDQYYCGVLYFTGSDIFNKNMRAHALEKGFTINEYTIRPLGVTGVAGEPLPVDSEKD
IFDYIQWKYREPKDRSEHHHHHH
;
A
2 'polydeoxyribonucleotide' (DG)(DT)(DC)(DG)(DG) D
3 'polydeoxyribonucleotide' (DG)(DC)(DT)(DG)(DA)(DT)(DG)(DC)(DG)(DC)(DA) P
4 'polydeoxyribonucleotide' (DC)(DC)(DG)(DA)(DC)(8OG)(DG)(DC)(DG)(DC)(DA)(DT)(DC)(DA)(DG)(DC) T
#
loop_
_chem_comp.id
_chem_comp.type
_chem_comp.name
_chem_comp.formula
8OG DNA linking 8-OXO-2'-DEOXY-GUANOSINE-5'-MONOPHOSPHATE 'C10 H14 N5 O8 P'
ACT non-polymer 'ACETATE ION' 'C2 H3 O2 -1'
CL non-polymer 'CHLORIDE ION' 'Cl -1'
DA DNA linking 2'-DEOXYADENOSINE-5'-MONOPHOSPHATE 'C10 H14 N5 O6 P'
DC DNA linking 2'-DEOXYCYTIDINE-5'-MONOPHOSPHATE 'C9 H14 N3 O7 P'
DG DNA linking 2'-DEOXYGUANOSINE-5'-MONOPHOSPHATE 'C10 H14 N5 O7 P'
DT DNA linking THYMIDINE-5'-MONOPHOSPHATE 'C10 H15 N2 O8 P'
MN non-polymer 'MANGANESE (II) ION' 'Mn 2'
NA non-polymer 'SODIUM ION' 'Na 1'
PPV non-polymer PYROPHOSPHATE 'H4 O7 P2'
#
# COMPACT_ATOMS: atom_id res chain seq x y z
N GLU A 11 -8.25 -18.26 16.14
CA GLU A 11 -7.06 -17.62 16.79
C GLU A 11 -7.12 -16.11 16.83
N THR A 12 -7.41 -15.47 15.70
CA THR A 12 -7.59 -14.03 15.69
C THR A 12 -8.85 -13.65 16.44
N LEU A 13 -8.71 -12.75 17.40
CA LEU A 13 -9.84 -12.27 18.16
C LEU A 13 -10.70 -11.45 17.23
N ASN A 14 -12.00 -11.76 17.18
CA ASN A 14 -12.93 -11.09 16.27
C ASN A 14 -12.57 -11.29 14.82
N GLY A 15 -11.84 -12.38 14.54
CA GLY A 15 -11.40 -12.69 13.20
C GLY A 15 -12.54 -12.79 12.20
N GLY A 16 -13.61 -13.48 12.63
CA GLY A 16 -14.82 -13.63 11.79
C GLY A 16 -15.37 -12.27 11.37
N ILE A 17 -15.48 -11.35 12.32
CA ILE A 17 -16.05 -10.05 12.02
C ILE A 17 -15.16 -9.31 11.04
N THR A 18 -13.87 -9.25 11.33
CA THR A 18 -12.98 -8.44 10.52
C THR A 18 -12.81 -9.00 9.10
N ASP A 19 -12.88 -10.32 8.94
CA ASP A 19 -12.85 -10.91 7.60
C ASP A 19 -14.10 -10.58 6.82
N MET A 20 -15.25 -10.57 7.51
CA MET A 20 -16.50 -10.16 6.91
C MET A 20 -16.40 -8.72 6.42
N LEU A 21 -15.91 -7.81 7.27
CA LEU A 21 -15.86 -6.40 6.87
C LEU A 21 -14.88 -6.18 5.71
N THR A 22 -13.79 -6.93 5.68
CA THR A 22 -12.78 -6.83 4.62
C THR A 22 -13.30 -7.30 3.29
N GLU A 23 -14.18 -8.30 3.34
CA GLU A 23 -14.79 -8.86 2.17
C GLU A 23 -15.76 -7.88 1.59
N LEU A 24 -16.56 -7.28 2.48
CA LEU A 24 -17.50 -6.27 2.08
C LEU A 24 -16.77 -5.09 1.47
N ALA A 25 -15.63 -4.73 2.04
CA ALA A 25 -14.82 -3.62 1.56
C ALA A 25 -14.38 -3.85 0.13
N ASN A 26 -13.84 -5.04 -0.13
CA ASN A 26 -13.40 -5.40 -1.46
C ASN A 26 -14.54 -5.40 -2.46
N PHE A 27 -15.68 -5.93 -2.07
CA PHE A 27 -16.91 -5.85 -2.91
C PHE A 27 -17.35 -4.42 -3.26
N GLU A 28 -17.36 -3.50 -2.28
CA GLU A 28 -17.71 -2.13 -2.58
C GLU A 28 -16.69 -1.50 -3.50
N LYS A 29 -15.41 -1.70 -3.24
CA LYS A 29 -14.40 -1.08 -4.08
C LYS A 29 -14.46 -1.63 -5.49
N ASN A 30 -14.47 -2.95 -5.58
CA ASN A 30 -14.17 -3.67 -6.83
C ASN A 30 -15.38 -3.87 -7.71
N VAL A 31 -16.54 -4.09 -7.13
CA VAL A 31 -17.77 -4.40 -7.86
C VAL A 31 -18.67 -3.18 -7.90
N SER A 32 -18.98 -2.63 -6.72
CA SER A 32 -19.86 -1.48 -6.61
C SER A 32 -19.24 -0.17 -7.06
N GLN A 33 -17.92 -0.09 -7.16
CA GLN A 33 -17.26 1.19 -7.45
C GLN A 33 -17.72 2.33 -6.50
N ALA A 34 -17.80 1.95 -5.23
CA ALA A 34 -18.23 2.82 -4.14
C ALA A 34 -17.06 2.99 -3.16
N ILE A 35 -16.13 3.87 -3.50
CA ILE A 35 -14.84 3.97 -2.78
C ILE A 35 -14.97 4.45 -1.32
N HIS A 36 -16.00 5.25 -1.05
CA HIS A 36 -16.23 5.75 0.30
C HIS A 36 -16.71 4.65 1.18
N LYS A 37 -17.56 3.78 0.66
CA LYS A 37 -18.01 2.63 1.43
C LYS A 37 -16.86 1.67 1.65
N TYR A 38 -16.00 1.50 0.62
CA TYR A 38 -14.77 0.72 0.79
C TYR A 38 -14.05 1.27 1.99
N ASN A 39 -13.79 2.57 2.00
CA ASN A 39 -13.01 3.20 3.11
C ASN A 39 -13.66 3.08 4.47
N ALA A 40 -15.00 3.19 4.51
CA ALA A 40 -15.75 2.97 5.75
C ALA A 40 -15.56 1.54 6.28
N TYR A 41 -15.54 0.55 5.39
CA TYR A 41 -15.51 -0.85 5.86
C TYR A 41 -14.10 -1.15 6.31
N ARG A 42 -13.13 -0.61 5.59
CA ARG A 42 -11.76 -0.71 6.00
C ARG A 42 -11.51 -0.09 7.36
N LYS A 43 -12.02 1.12 7.54
CA LYS A 43 -11.87 1.79 8.83
C LYS A 43 -12.47 0.91 9.92
N ALA A 44 -13.69 0.44 9.68
CA ALA A 44 -14.35 -0.39 10.69
C ALA A 44 -13.58 -1.68 11.01
N ALA A 45 -13.05 -2.36 9.99
CA ALA A 45 -12.28 -3.57 10.22
C ALA A 45 -10.97 -3.31 10.95
N SER A 46 -10.40 -2.13 10.74
CA SER A 46 -9.17 -1.74 11.42
C SER A 46 -9.37 -1.51 12.92
N VAL A 47 -10.40 -0.75 13.29
CA VAL A 47 -10.64 -0.46 14.70
C VAL A 47 -11.03 -1.73 15.47
N ILE A 48 -11.85 -2.58 14.85
CA ILE A 48 -12.22 -3.84 15.47
C ILE A 48 -11.04 -4.81 15.70
N ALA A 49 -10.19 -4.98 14.70
CA ALA A 49 -9.02 -5.83 14.82
C ALA A 49 -8.08 -5.34 15.94
N LYS A 50 -7.99 -4.04 16.16
CA LYS A 50 -7.15 -3.49 17.26
C LYS A 50 -7.83 -3.44 18.64
N TYR A 51 -9.12 -3.74 18.66
CA TYR A 51 -9.91 -3.81 19.88
C TYR A 51 -9.51 -5.05 20.68
N PRO A 52 -9.10 -4.88 21.95
CA PRO A 52 -8.51 -5.99 22.70
C PRO A 52 -9.53 -6.91 23.35
N HIS A 53 -10.84 -6.71 23.09
CA HIS A 53 -11.87 -7.55 23.69
C HIS A 53 -12.69 -8.26 22.63
N LYS A 54 -13.31 -9.35 23.05
CA LYS A 54 -14.22 -10.08 22.22
C LYS A 54 -15.46 -9.23 22.06
N ILE A 55 -15.89 -9.10 20.80
CA ILE A 55 -17.08 -8.36 20.51
C ILE A 55 -18.25 -9.30 20.74
N LYS A 56 -19.14 -8.88 21.62
CA LYS A 56 -20.31 -9.67 21.99
C LYS A 56 -21.63 -9.22 21.34
N SER A 57 -21.72 -7.95 20.93
CA SER A 57 -22.93 -7.49 20.21
C SER A 57 -22.62 -6.29 19.31
N GLY A 58 -23.52 -6.02 18.38
CA GLY A 58 -23.47 -4.79 17.58
C GLY A 58 -23.45 -3.51 18.42
N ALA A 59 -24.12 -3.56 19.57
CA ALA A 59 -24.14 -2.43 20.49
C ALA A 59 -22.71 -2.09 20.91
N GLU A 60 -21.98 -3.11 21.33
CA GLU A 60 -20.61 -2.90 21.82
C GLU A 60 -19.70 -2.39 20.68
N ALA A 61 -19.80 -2.97 19.48
CA ALA A 61 -19.03 -2.48 18.32
C ALA A 61 -19.35 -1.03 18.00
N LYS A 62 -20.62 -0.66 18.07
CA LYS A 62 -21.05 0.69 17.73
C LYS A 62 -20.37 1.77 18.57
N LYS A 63 -19.89 1.39 19.75
CA LYS A 63 -19.12 2.31 20.60
C LYS A 63 -17.86 2.81 19.90
N LEU A 64 -17.28 2.01 19.01
CA LEU A 64 -16.02 2.36 18.36
C LEU A 64 -16.22 3.34 17.21
N PRO A 65 -15.30 4.30 17.03
CA PRO A 65 -15.36 5.25 15.93
C PRO A 65 -15.18 4.58 14.57
N GLY A 66 -16.17 4.75 13.67
CA GLY A 66 -16.15 4.10 12.36
C GLY A 66 -17.17 2.98 12.23
N VAL A 67 -17.80 2.60 13.35
CA VAL A 67 -18.86 1.60 13.38
C VAL A 67 -20.16 2.30 13.67
N GLY A 68 -21.08 2.24 12.71
CA GLY A 68 -22.38 2.86 12.84
C GLY A 68 -23.44 1.82 12.86
N THR A 69 -24.61 2.20 12.38
CA THR A 69 -25.81 1.40 12.61
C THR A 69 -25.83 0.20 11.72
N LYS A 70 -25.38 0.36 10.49
CA LYS A 70 -25.47 -0.72 9.50
C LYS A 70 -24.45 -1.83 9.72
N ILE A 71 -23.25 -1.48 10.17
CA ILE A 71 -22.25 -2.51 10.43
C ILE A 71 -22.60 -3.28 11.71
N ALA A 72 -23.05 -2.56 12.74
CA ALA A 72 -23.50 -3.16 13.99
C ALA A 72 -24.59 -4.17 13.71
N GLU A 73 -25.58 -3.74 12.93
CA GLU A 73 -26.59 -4.65 12.38
C GLU A 73 -25.94 -5.85 11.70
N LYS A 74 -24.97 -5.63 10.80
CA LYS A 74 -24.24 -6.77 10.19
C LYS A 74 -23.51 -7.62 11.23
N ILE A 75 -22.97 -6.97 12.25
CA ILE A 75 -22.27 -7.71 13.29
C ILE A 75 -23.27 -8.56 14.08
N ASP A 76 -24.42 -8.00 14.40
CA ASP A 76 -25.44 -8.78 15.14
C ASP A 76 -25.81 -10.02 14.36
N GLU A 77 -25.94 -9.90 13.04
CA GLU A 77 -26.36 -11.03 12.21
C GLU A 77 -25.28 -12.09 12.17
N PHE A 78 -24.04 -11.63 12.00
CA PHE A 78 -22.93 -12.54 11.88
C PHE A 78 -22.76 -13.34 13.17
N LEU A 79 -22.86 -12.65 14.30
CA LEU A 79 -22.73 -13.30 15.58
C LEU A 79 -23.84 -14.34 15.80
N ALA A 80 -25.05 -14.06 15.32
CA ALA A 80 -26.20 -14.96 15.53
C ALA A 80 -26.15 -16.17 14.63
N THR A 81 -25.75 -15.97 13.38
CA THR A 81 -25.88 -16.98 12.36
C THR A 81 -24.55 -17.57 11.88
N GLY A 82 -23.44 -16.91 12.19
CA GLY A 82 -22.13 -17.33 11.67
C GLY A 82 -21.89 -16.95 10.21
N LYS A 83 -22.73 -16.07 9.67
CA LYS A 83 -22.60 -15.68 8.27
C LYS A 83 -23.39 -14.41 8.02
N LEU A 84 -23.26 -13.91 6.80
CA LEU A 84 -24.03 -12.74 6.40
C LEU A 84 -24.71 -13.00 5.07
N ARG A 85 -26.05 -12.95 5.05
CA ARG A 85 -26.81 -13.21 3.81
C ARG A 85 -26.33 -12.38 2.61
N LYS A 86 -26.17 -11.07 2.79
CA LYS A 86 -25.59 -10.23 1.73
C LYS A 86 -24.33 -10.87 1.15
N LEU A 87 -23.38 -11.27 1.99
CA LEU A 87 -22.13 -11.86 1.47
C LEU A 87 -22.38 -13.21 0.80
N GLU A 88 -23.25 -14.06 1.35
CA GLU A 88 -23.54 -15.32 0.68
C GLU A 88 -24.04 -15.09 -0.75
N LYS A 89 -24.90 -14.09 -0.96
CA LYS A 89 -25.41 -13.80 -2.33
C LYS A 89 -24.34 -13.28 -3.26
N ILE A 90 -23.49 -12.39 -2.75
CA ILE A 90 -22.34 -11.93 -3.50
C ILE A 90 -21.43 -13.11 -3.85
N ARG A 91 -21.15 -13.97 -2.89
CA ARG A 91 -20.30 -15.11 -3.17
C ARG A 91 -20.85 -16.03 -4.26
N GLN A 92 -22.17 -16.06 -4.42
CA GLN A 92 -22.84 -16.90 -5.43
C GLN A 92 -22.83 -16.29 -6.84
N ASP A 93 -22.85 -14.97 -6.90
CA ASP A 93 -22.81 -14.24 -8.16
C ASP A 93 -21.47 -14.44 -8.88
N ASP A 94 -21.50 -15.21 -9.97
CA ASP A 94 -20.31 -15.42 -10.78
C ASP A 94 -19.77 -14.11 -11.39
N THR A 95 -20.64 -13.22 -11.86
CA THR A 95 -20.14 -11.95 -12.38
C THR A 95 -19.37 -11.16 -11.32
N SER A 96 -19.97 -10.97 -10.14
CA SER A 96 -19.30 -10.26 -9.04
C SER A 96 -17.98 -10.93 -8.66
N SER A 97 -17.93 -12.26 -8.74
CA SER A 97 -16.71 -12.99 -8.39
C SER A 97 -15.61 -12.76 -9.41
N SER A 98 -15.94 -12.88 -10.69
CA SER A 98 -14.95 -12.71 -11.72
C SER A 98 -14.42 -11.28 -11.76
N ILE A 99 -15.30 -10.30 -11.56
CA ILE A 99 -14.91 -8.90 -11.52
C ILE A 99 -13.89 -8.70 -10.38
N ASN A 100 -14.25 -9.18 -9.19
CA ASN A 100 -13.41 -9.11 -8.01
C ASN A 100 -12.05 -9.73 -8.26
N PHE A 101 -12.04 -10.89 -8.92
CA PHE A 101 -10.81 -11.58 -9.21
C PHE A 101 -9.89 -10.85 -10.17
N LEU A 102 -10.45 -10.30 -11.23
CA LEU A 102 -9.62 -9.64 -12.26
C LEU A 102 -8.87 -8.43 -11.72
N THR A 103 -9.46 -7.72 -10.75
CA THR A 103 -8.77 -6.60 -10.09
C THR A 103 -7.53 -6.97 -9.31
N ARG A 104 -7.31 -8.24 -9.01
CA ARG A 104 -6.07 -8.67 -8.38
C ARG A 104 -4.86 -8.63 -9.32
N VAL A 105 -5.11 -8.46 -10.60
CA VAL A 105 -4.04 -8.28 -11.57
C VAL A 105 -3.60 -6.83 -11.56
N SER A 106 -2.30 -6.60 -11.42
CA SER A 106 -1.76 -5.28 -11.37
C SER A 106 -2.04 -4.58 -12.71
N GLY A 107 -2.61 -3.38 -12.61
CA GLY A 107 -3.03 -2.60 -13.76
C GLY A 107 -4.49 -2.79 -14.13
N ILE A 108 -5.16 -3.79 -13.58
CA ILE A 108 -6.61 -3.92 -13.81
C ILE A 108 -7.33 -3.44 -12.53
N GLY A 109 -8.09 -2.35 -12.63
CA GLY A 109 -8.89 -1.82 -11.53
C GLY A 109 -10.36 -2.12 -11.74
N PRO A 110 -11.24 -1.53 -10.93
CA PRO A 110 -12.67 -1.87 -11.01
C PRO A 110 -13.35 -1.64 -12.39
N SER A 111 -13.00 -0.56 -13.08
CA SER A 111 -13.61 -0.24 -14.39
C SER A 111 -13.14 -1.23 -15.48
N ALA A 112 -11.84 -1.50 -15.61
CA ALA A 112 -11.39 -2.48 -16.65
C ALA A 112 -11.86 -3.93 -16.38
N ALA A 113 -11.90 -4.33 -15.10
CA ALA A 113 -12.46 -5.62 -14.72
C ALA A 113 -13.89 -5.77 -15.22
N ARG A 114 -14.73 -4.80 -14.89
CA ARG A 114 -16.13 -4.85 -15.30
C ARG A 114 -16.28 -4.90 -16.80
N LYS A 115 -15.51 -4.09 -17.50
CA LYS A 115 -15.50 -4.09 -18.96
C LYS A 115 -15.14 -5.50 -19.47
N PHE A 116 -14.09 -6.09 -18.92
CA PHE A 116 -13.62 -7.38 -19.38
C PHE A 116 -14.62 -8.50 -19.12
N VAL A 117 -15.26 -8.46 -17.97
CA VAL A 117 -16.21 -9.52 -17.64
C VAL A 117 -17.43 -9.47 -18.55
N ASP A 118 -17.93 -8.26 -18.82
CA ASP A 118 -19.06 -8.08 -19.70
C ASP A 118 -18.69 -8.50 -21.13
N GLU A 119 -17.40 -8.53 -21.45
CA GLU A 119 -16.99 -9.04 -22.75
C GLU A 119 -16.68 -10.53 -22.71
N GLY A 120 -17.07 -11.20 -21.64
CA GLY A 120 -16.86 -12.63 -21.52
C GLY A 120 -15.49 -13.06 -21.02
N ILE A 121 -14.72 -12.18 -20.41
CA ILE A 121 -13.42 -12.56 -19.84
C ILE A 121 -13.60 -12.77 -18.32
N LYS A 122 -13.64 -14.04 -17.91
CA LYS A 122 -14.10 -14.41 -16.56
C LYS A 122 -13.06 -15.12 -15.69
N THR A 123 -11.95 -15.55 -16.30
CA THR A 123 -10.94 -16.40 -15.67
C THR A 123 -9.52 -16.02 -16.12
N LEU A 124 -8.54 -16.53 -15.38
CA LEU A 124 -7.14 -16.27 -15.69
C LEU A 124 -6.80 -16.80 -17.07
N GLU A 125 -7.30 -18.00 -17.37
CA GLU A 125 -7.10 -18.61 -18.68
C GLU A 125 -7.70 -17.74 -19.80
N ASP A 126 -8.88 -17.17 -19.58
CA ASP A 126 -9.51 -16.27 -20.55
C ASP A 126 -8.65 -15.03 -20.80
N LEU A 127 -8.08 -14.53 -19.72
CA LEU A 127 -7.30 -13.30 -19.78
C LEU A 127 -6.02 -13.48 -20.63
N ARG A 128 -5.34 -14.60 -20.47
CA ARG A 128 -4.17 -14.88 -21.33
C ARG A 128 -4.52 -14.95 -22.80
N LYS A 129 -5.72 -15.43 -23.11
CA LYS A 129 -6.18 -15.55 -24.48
C LYS A 129 -6.54 -14.18 -25.07
N ASN A 130 -6.82 -13.19 -24.20
CA ASN A 130 -7.11 -11.83 -24.67
C ASN A 130 -6.04 -10.79 -24.35
N GLU A 131 -4.80 -11.24 -24.28
CA GLU A 131 -3.64 -10.38 -24.09
C GLU A 131 -3.61 -9.08 -24.91
N ASP A 132 -4.23 -9.05 -26.08
CA ASP A 132 -4.18 -7.88 -26.96
C ASP A 132 -5.20 -6.80 -26.58
N LYS A 133 -6.12 -7.14 -25.67
CA LYS A 133 -6.94 -6.13 -25.00
C LYS A 133 -6.15 -5.44 -23.88
N LEU A 134 -5.08 -6.08 -23.41
CA LEU A 134 -4.36 -5.53 -22.27
C LEU A 134 -3.31 -4.53 -22.68
N ASN A 135 -3.23 -3.43 -21.96
CA ASN A 135 -2.08 -2.52 -22.05
C ASN A 135 -0.84 -3.13 -21.41
N HIS A 136 0.32 -2.47 -21.55
CA HIS A 136 1.59 -3.02 -21.05
C HIS A 136 1.60 -3.31 -19.55
N HIS A 137 1.09 -2.38 -18.76
CA HIS A 137 1.02 -2.54 -17.30
C HIS A 137 0.28 -3.86 -17.00
N GLN A 138 -0.89 -4.02 -17.61
CA GLN A 138 -1.71 -5.19 -17.36
C GLN A 138 -1.04 -6.48 -17.81
N ARG A 139 -0.33 -6.43 -18.95
CA ARG A 139 0.33 -7.65 -19.47
C ARG A 139 1.42 -8.13 -18.56
N ILE A 140 2.14 -7.19 -17.99
CA ILE A 140 3.19 -7.54 -17.04
C ILE A 140 2.55 -8.06 -15.76
N GLY A 141 1.48 -7.42 -15.28
CA GLY A 141 0.78 -7.93 -14.07
C GLY A 141 0.25 -9.33 -14.28
N LEU A 142 -0.15 -9.64 -15.51
CA LEU A 142 -0.68 -10.98 -15.81
C LEU A 142 0.47 -11.97 -15.87
N LYS A 143 1.49 -11.60 -16.59
CA LYS A 143 2.70 -12.41 -16.73
C LYS A 143 3.22 -12.87 -15.36
N TYR A 144 3.16 -12.00 -14.35
CA TYR A 144 3.75 -12.33 -13.05
C TYR A 144 2.70 -12.49 -11.95
N PHE A 145 1.45 -12.69 -12.34
CA PHE A 145 0.34 -12.72 -11.38
C PHE A 145 0.62 -13.68 -10.20
N GLY A 146 0.99 -14.93 -10.53
CA GLY A 146 1.30 -15.94 -9.49
C GLY A 146 2.43 -15.55 -8.53
N ASP A 147 3.52 -15.04 -9.10
CA ASP A 147 4.67 -14.56 -8.31
C ASP A 147 4.34 -13.37 -7.43
N PHE A 148 3.51 -12.45 -7.92
CA PHE A 148 3.19 -11.24 -7.13
C PHE A 148 2.23 -11.54 -5.97
N GLU A 149 1.60 -12.71 -5.98
CA GLU A 149 0.79 -13.18 -4.84
C GLU A 149 1.65 -13.58 -3.67
N LYS A 150 2.85 -14.09 -3.95
CA LYS A 150 3.69 -14.56 -2.88
C LYS A 150 4.27 -13.39 -2.07
N ARG A 151 4.40 -13.59 -0.77
CA ARG A 151 5.09 -12.61 0.08
C ARG A 151 6.61 -12.83 0.05
N ILE A 152 7.36 -11.86 0.54
CA ILE A 152 8.82 -11.92 0.51
C ILE A 152 9.40 -12.05 1.91
N PRO A 153 10.09 -13.16 2.22
CA PRO A 153 10.67 -13.25 3.57
C PRO A 153 11.72 -12.17 3.79
N ARG A 154 11.86 -11.75 5.04
CA ARG A 154 12.79 -10.69 5.38
C ARG A 154 14.21 -10.99 4.92
N GLU A 155 14.62 -12.26 4.95
CA GLU A 155 15.96 -12.63 4.55
C GLU A 155 16.24 -12.30 3.07
N GLU A 156 15.26 -12.57 2.21
CA GLU A 156 15.32 -12.12 0.82
C GLU A 156 15.26 -10.60 0.73
N MET A 157 14.47 -9.97 1.59
CA MET A 157 14.45 -8.51 1.59
C MET A 157 15.88 -7.99 1.80
N LEU A 158 16.64 -8.62 2.68
CA LEU A 158 18.01 -8.18 2.98
C LEU A 158 18.95 -8.36 1.80
N GLN A 159 18.80 -9.47 1.09
CA GLN A 159 19.57 -9.65 -0.13
C GLN A 159 19.20 -8.60 -1.19
N MET A 160 17.91 -8.27 -1.28
CA MET A 160 17.44 -7.28 -2.25
C MET A 160 17.98 -5.91 -1.91
N GLN A 161 17.97 -5.60 -0.63
CA GLN A 161 18.63 -4.41 -0.10
C GLN A 161 20.12 -4.35 -0.49
N ASP A 162 20.86 -5.41 -0.21
CA ASP A 162 22.31 -5.46 -0.51
C ASP A 162 22.58 -5.09 -1.98
N ILE A 163 21.79 -5.66 -2.88
CA ILE A 163 21.95 -5.42 -4.30
C ILE A 163 21.60 -3.99 -4.65
N VAL A 164 20.48 -3.50 -4.14
CA VAL A 164 20.07 -2.14 -4.47
C VAL A 164 21.10 -1.12 -3.98
N LEU A 165 21.54 -1.26 -2.73
CA LEU A 165 22.48 -0.27 -2.17
C LEU A 165 23.88 -0.34 -2.84
N ASN A 166 24.37 -1.53 -3.12
CA ASN A 166 25.62 -1.67 -3.89
C ASN A 166 25.57 -0.86 -5.20
N GLU A 167 24.51 -1.06 -5.97
CA GLU A 167 24.44 -0.51 -7.32
C GLU A 167 24.16 0.98 -7.34
N VAL A 168 23.44 1.49 -6.35
CA VAL A 168 23.18 2.91 -6.26
C VAL A 168 24.49 3.64 -6.02
N LYS A 169 25.25 3.14 -5.05
CA LYS A 169 26.57 3.67 -4.73
C LYS A 169 27.48 3.65 -5.94
N LYS A 170 27.41 2.61 -6.78
CA LYS A 170 28.19 2.60 -8.02
C LYS A 170 27.88 3.78 -8.92
N VAL A 171 26.63 4.17 -9.03
CA VAL A 171 26.23 5.28 -9.89
C VAL A 171 26.68 6.62 -9.30
N ASP A 172 26.54 6.79 -8.00
CA ASP A 172 26.95 8.04 -7.37
C ASP A 172 26.85 7.87 -5.86
N SER A 173 28.01 7.97 -5.20
CA SER A 173 28.10 7.75 -3.76
C SER A 173 27.28 8.76 -2.94
N GLU A 174 26.84 9.85 -3.55
CA GLU A 174 25.98 10.81 -2.86
C GLU A 174 24.47 10.43 -2.89
N TYR A 175 24.06 9.48 -3.73
CA TYR A 175 22.71 8.93 -3.56
C TYR A 175 22.58 8.34 -2.16
N ILE A 176 21.40 8.43 -1.58
CA ILE A 176 21.05 7.60 -0.43
C ILE A 176 19.72 6.88 -0.71
N ALA A 177 19.75 5.55 -0.60
CA ALA A 177 18.60 4.72 -0.83
C ALA A 177 18.17 4.19 0.53
N THR A 178 16.88 4.25 0.82
CA THR A 178 16.35 3.71 2.06
C THR A 178 15.15 2.83 1.74
N VAL A 179 15.23 1.56 2.14
CA VAL A 179 14.12 0.64 1.95
C VAL A 179 13.03 0.94 2.99
N CYS A 180 11.84 1.32 2.53
CA CYS A 180 10.78 1.70 3.45
C CYS A 180 9.70 0.60 3.45
N GLY A 181 8.41 0.97 3.47
CA GLY A 181 7.34 0.02 3.54
C GLY A 181 7.37 -0.84 4.77
N SER A 182 6.70 -1.99 4.67
CA SER A 182 6.66 -2.98 5.74
C SER A 182 8.05 -3.30 6.28
N PHE A 183 9.05 -3.39 5.39
CA PHE A 183 10.45 -3.67 5.79
C PHE A 183 10.94 -2.74 6.87
N ARG A 184 10.74 -1.45 6.66
CA ARG A 184 11.16 -0.45 7.64
C ARG A 184 10.33 -0.53 8.91
N ARG A 185 9.10 -1.00 8.82
CA ARG A 185 8.31 -1.27 10.03
C ARG A 185 8.67 -2.59 10.72
N GLY A 186 9.71 -3.29 10.27
CA GLY A 186 10.18 -4.51 10.96
C GLY A 186 9.49 -5.82 10.62
N ALA A 187 8.61 -5.80 9.63
CA ALA A 187 7.81 -6.97 9.32
C ALA A 187 8.69 -8.16 8.92
N GLU A 188 8.26 -9.36 9.29
CA GLU A 188 8.99 -10.59 8.99
C GLU A 188 8.85 -11.00 7.53
N SER A 189 7.80 -10.54 6.86
CA SER A 189 7.68 -10.71 5.42
C SER A 189 7.07 -9.45 4.83
N SER A 190 7.25 -9.24 3.54
CA SER A 190 6.76 -8.03 2.89
C SER A 190 6.09 -8.35 1.57
N GLY A 191 5.15 -7.52 1.17
CA GLY A 191 4.50 -7.65 -0.13
C GLY A 191 5.43 -7.37 -1.30
N ASP A 192 6.24 -6.33 -1.17
CA ASP A 192 7.10 -5.88 -2.24
C ASP A 192 8.24 -5.11 -1.59
N MET A 193 9.09 -4.51 -2.42
CA MET A 193 10.20 -3.69 -1.93
C MET A 193 9.98 -2.25 -2.34
N ASP A 194 9.97 -1.37 -1.35
CA ASP A 194 9.73 0.06 -1.55
C ASP A 194 11.00 0.79 -1.17
N VAL A 195 11.60 1.49 -2.14
CA VAL A 195 12.89 2.20 -1.93
C VAL A 195 12.74 3.71 -2.11
N LEU A 196 13.21 4.45 -1.09
CA LEU A 196 13.21 5.89 -1.16
C LEU A 196 14.61 6.32 -1.54
N LEU A 197 14.69 7.23 -2.50
CA LEU A 197 15.96 7.68 -3.04
C LEU A 197 16.05 9.18 -2.90
N THR A 198 17.20 9.66 -2.44
CA THR A 198 17.51 11.08 -2.46
C THR A 198 18.87 11.33 -3.08
N HIS A 199 19.09 12.56 -3.50
CA HIS A 199 20.39 12.98 -4.02
C HIS A 199 20.46 14.51 -3.92
N PRO A 200 21.63 15.08 -3.51
CA PRO A 200 21.69 16.55 -3.30
C PRO A 200 21.25 17.44 -4.46
N SER A 201 21.36 16.96 -5.69
CA SER A 201 20.98 17.75 -6.86
C SER A 201 19.50 17.91 -7.00
N PHE A 202 18.71 17.14 -6.25
CA PHE A 202 17.29 17.28 -6.33
C PHE A 202 16.69 17.73 -5.00
N THR A 203 16.33 19.00 -4.95
CA THR A 203 15.68 19.57 -3.79
C THR A 203 14.37 20.15 -4.28
N SER A 204 13.56 20.62 -3.33
CA SER A 204 12.26 21.16 -3.63
C SER A 204 12.38 22.44 -4.44
N GLU A 205 13.58 23.02 -4.50
CA GLU A 205 13.77 24.26 -5.20
C GLU A 205 14.45 24.16 -6.54
N SER A 206 15.14 23.05 -6.81
CA SER A 206 15.89 22.96 -8.05
C SER A 206 16.28 21.53 -8.39
N THR A 207 16.29 21.23 -9.69
CA THR A 207 16.88 19.97 -10.22
C THR A 207 18.17 20.31 -10.98
N LYS A 208 19.29 20.21 -10.28
CA LYS A 208 20.59 20.56 -10.84
C LYS A 208 21.23 19.39 -11.60
N GLN A 209 20.66 18.18 -11.49
CA GLN A 209 21.07 17.09 -12.36
C GLN A 209 19.85 16.50 -13.03
N PRO A 210 20.03 15.99 -14.27
CA PRO A 210 18.97 15.34 -15.02
C PRO A 210 19.03 13.81 -14.91
N LYS A 211 17.87 13.17 -15.04
CA LYS A 211 17.77 11.72 -15.13
C LYS A 211 18.31 11.02 -13.90
N LEU A 212 18.09 11.65 -12.74
CA LEU A 212 18.56 11.13 -11.47
C LEU A 212 17.95 9.78 -11.15
N LEU A 213 16.67 9.61 -11.46
CA LEU A 213 16.00 8.34 -11.23
C LEU A 213 16.29 7.37 -12.36
N HIS A 214 16.30 7.87 -13.58
CA HIS A 214 16.55 7.04 -14.74
C HIS A 214 17.92 6.34 -14.66
N GLN A 215 18.97 7.04 -14.22
CA GLN A 215 20.31 6.46 -14.07
C GLN A 215 20.31 5.24 -13.17
N VAL A 216 19.72 5.38 -11.99
CA VAL A 216 19.64 4.27 -11.01
C VAL A 216 18.89 3.08 -11.60
N VAL A 217 17.75 3.36 -12.22
CA VAL A 217 16.93 2.31 -12.84
C VAL A 217 17.74 1.58 -13.92
N GLU A 218 18.51 2.34 -14.70
CA GLU A 218 19.30 1.81 -15.81
C GLU A 218 20.38 0.87 -15.32
N GLN A 219 21.04 1.30 -14.25
CA GLN A 219 22.00 0.48 -13.56
C GLN A 219 21.36 -0.81 -13.05
N LEU A 220 20.17 -0.71 -12.45
CA LEU A 220 19.55 -1.90 -11.87
C LEU A 220 19.09 -2.90 -12.94
N GLN A 221 18.84 -2.41 -14.15
CA GLN A 221 18.50 -3.28 -15.29
C GLN A 221 19.76 -3.88 -15.92
N LYS A 222 20.78 -3.02 -16.06
CA LYS A 222 22.08 -3.44 -16.57
C LYS A 222 22.62 -4.66 -15.82
N VAL A 223 22.48 -4.67 -14.50
CA VAL A 223 22.85 -5.87 -13.69
C VAL A 223 21.71 -6.91 -13.57
N HIS A 224 20.67 -6.75 -14.39
CA HIS A 224 19.55 -7.69 -14.47
C HIS A 224 18.83 -7.95 -13.13
N PHE A 225 18.82 -6.96 -12.24
CA PHE A 225 17.97 -6.98 -11.04
C PHE A 225 16.55 -6.58 -11.40
N ILE A 226 16.40 -5.42 -12.02
CA ILE A 226 15.10 -4.99 -12.55
C ILE A 226 14.90 -5.69 -13.87
N THR A 227 13.77 -6.37 -14.01
CA THR A 227 13.44 -7.14 -15.20
C THR A 227 12.31 -6.53 -16.03
N ASP A 228 11.44 -5.71 -15.43
CA ASP A 228 10.36 -5.09 -16.20
C ASP A 228 9.90 -3.78 -15.57
N THR A 229 9.27 -2.95 -16.41
CA THR A 229 8.77 -1.65 -16.03
C THR A 229 7.22 -1.59 -16.17
N LEU A 230 6.52 -1.13 -15.13
CA LEU A 230 5.07 -0.91 -15.25
C LEU A 230 4.75 0.54 -15.56
N SER A 231 5.38 1.46 -14.87
CA SER A 231 5.21 2.88 -15.14
C SER A 231 6.45 3.58 -14.60
N LYS A 232 6.81 4.71 -15.20
CA LYS A 232 8.10 5.35 -14.95
C LYS A 232 8.05 6.84 -15.26
N GLY A 233 8.32 7.70 -14.28
CA GLY A 233 8.41 9.13 -14.50
C GLY A 233 9.69 9.70 -13.91
N GLU A 234 9.66 11.00 -13.65
CA GLU A 234 10.83 11.69 -13.16
C GLU A 234 11.14 11.37 -11.70
N THR A 235 10.13 11.08 -10.90
CA THR A 235 10.34 10.80 -9.48
C THR A 235 9.79 9.46 -9.01
N LYS A 236 8.92 8.81 -9.78
CA LYS A 236 8.42 7.51 -9.35
C LYS A 236 8.56 6.40 -10.39
N PHE A 237 9.17 5.30 -9.97
CA PHE A 237 9.33 4.10 -10.79
C PHE A 237 8.53 2.94 -10.18
N MET A 238 7.94 2.15 -11.05
CA MET A 238 7.16 1.00 -10.61
C MET A 238 7.43 -0.12 -11.60
N GLY A 239 7.94 -1.23 -11.12
CA GLY A 239 8.25 -2.36 -11.98
C GLY A 239 8.50 -3.63 -11.23
N VAL A 240 9.43 -4.43 -11.75
CA VAL A 240 9.59 -5.80 -11.35
C VAL A 240 11.07 -6.10 -11.20
N CYS A 241 11.40 -6.92 -10.21
CA CYS A 241 12.78 -7.33 -10.01
C CYS A 241 12.87 -8.79 -9.60
N GLN A 242 14.08 -9.34 -9.60
CA GLN A 242 14.28 -10.74 -9.25
C GLN A 242 15.67 -10.94 -8.70
N LEU A 243 15.81 -11.69 -7.61
CA LEU A 243 17.17 -12.01 -7.10
C LEU A 243 17.89 -12.96 -8.06
N PRO A 244 19.24 -12.90 -8.09
CA PRO A 244 19.96 -13.91 -8.83
C PRO A 244 19.83 -15.26 -8.12
N SER A 245 19.45 -16.30 -8.85
CA SER A 245 19.49 -17.64 -8.28
C SER A 245 20.94 -18.10 -8.33
N LYS A 246 21.33 -18.97 -7.40
CA LYS A 246 22.64 -19.61 -7.49
C LYS A 246 22.66 -20.66 -8.59
N ASN A 247 23.87 -21.11 -8.90
CA ASN A 247 24.07 -22.12 -9.94
C ASN A 247 23.23 -23.37 -9.66
N ASP A 248 22.29 -23.65 -10.56
CA ASP A 248 21.44 -24.85 -10.55
C ASP A 248 20.31 -24.90 -9.50
N GLU A 249 20.36 -24.07 -8.47
CA GLU A 249 19.20 -23.99 -7.58
C GLU A 249 18.13 -23.24 -8.36
N LYS A 250 16.86 -23.45 -7.99
CA LYS A 250 15.75 -22.89 -8.78
C LYS A 250 15.72 -21.36 -8.77
N GLU A 251 14.96 -20.80 -9.72
CA GLU A 251 14.80 -19.37 -9.83
C GLU A 251 13.92 -18.84 -8.69
N TYR A 252 14.30 -17.70 -8.15
CA TYR A 252 13.50 -16.96 -7.20
C TYR A 252 12.29 -16.37 -7.93
N PRO A 253 11.21 -16.07 -7.20
CA PRO A 253 10.07 -15.44 -7.85
C PRO A 253 10.40 -14.01 -8.24
N HIS A 254 9.68 -13.46 -9.22
CA HIS A 254 9.76 -12.06 -9.54
C HIS A 254 8.98 -11.27 -8.50
N ARG A 255 9.36 -10.03 -8.27
CA ARG A 255 8.76 -9.20 -7.24
C ARG A 255 8.46 -7.80 -7.72
N ARG A 256 7.44 -7.19 -7.10
CA ARG A 256 7.18 -5.78 -7.28
C ARG A 256 8.18 -4.90 -6.53
N ILE A 257 8.61 -3.85 -7.20
CA ILE A 257 9.54 -2.90 -6.63
C ILE A 257 9.03 -1.53 -6.98
N ASP A 258 8.98 -0.65 -5.98
CA ASP A 258 8.65 0.74 -6.18
C ASP A 258 9.87 1.59 -5.79
N ILE A 259 10.15 2.60 -6.57
CA ILE A 259 11.23 3.52 -6.25
C ILE A 259 10.73 4.93 -6.38
N ARG A 260 10.90 5.68 -5.31
CA ARG A 260 10.42 7.00 -5.23
C ARG A 260 11.58 7.93 -4.88
N LEU A 261 11.87 8.84 -5.80
CA LEU A 261 12.88 9.88 -5.59
C LEU A 261 12.20 11.07 -4.95
N ILE A 262 12.75 11.55 -3.83
N ILE A 262 12.70 11.52 -3.81
CA ILE A 262 12.14 12.58 -3.00
CA ILE A 262 12.10 12.64 -3.11
C ILE A 262 13.16 13.72 -2.77
C ILE A 262 13.14 13.73 -2.91
N PRO A 263 12.69 15.00 -2.81
CA PRO A 263 13.63 16.08 -2.59
C PRO A 263 14.43 15.90 -1.32
N LYS A 264 15.72 16.19 -1.41
CA LYS A 264 16.61 15.97 -0.28
C LYS A 264 16.22 16.76 0.96
N ASP A 265 15.71 17.99 0.77
CA ASP A 265 15.27 18.84 1.88
C ASP A 265 13.92 18.48 2.51
N GLN A 266 13.29 17.39 2.04
CA GLN A 266 11.96 16.99 2.49
C GLN A 266 11.95 15.50 2.78
N TYR A 267 13.11 15.02 3.23
CA TYR A 267 13.33 13.61 3.37
C TYR A 267 12.39 13.06 4.43
N TYR A 268 12.13 13.85 5.48
CA TYR A 268 11.37 13.38 6.63
C TYR A 268 9.88 13.19 6.33
N CYS A 269 9.27 14.17 5.68
CA CYS A 269 7.90 13.97 5.23
C CYS A 269 7.89 12.78 4.26
N GLY A 270 8.93 12.66 3.43
CA GLY A 270 9.05 11.55 2.51
C GLY A 270 9.10 10.15 3.13
N VAL A 271 9.91 10.02 4.16
CA VAL A 271 10.15 8.72 4.72
C VAL A 271 8.96 8.34 5.59
N LEU A 272 8.31 9.33 6.18
CA LEU A 272 7.06 9.11 6.91
C LEU A 272 6.02 8.49 5.98
N TYR A 273 5.77 9.16 4.85
CA TYR A 273 4.85 8.64 3.84
C TYR A 273 5.21 7.21 3.45
N PHE A 274 6.46 6.95 3.09
CA PHE A 274 6.79 5.71 2.37
C PHE A 274 6.96 4.56 3.38
N THR A 275 7.02 4.91 4.66
CA THR A 275 7.06 3.92 5.76
C THR A 275 5.66 3.41 6.11
N GLY A 276 4.64 4.25 5.95
CA GLY A 276 3.27 3.82 6.18
C GLY A 276 3.00 3.33 7.62
N SER A 277 2.06 2.41 7.81
CA SER A 277 1.25 1.75 6.79
C SER A 277 0.35 2.75 6.09
N ASP A 278 -0.38 2.30 5.08
CA ASP A 278 -1.32 3.18 4.38
C ASP A 278 -2.38 3.72 5.31
N ILE A 279 -2.96 2.82 6.11
CA ILE A 279 -3.99 3.14 7.09
C ILE A 279 -3.46 4.14 8.11
N PHE A 280 -2.27 3.88 8.64
CA PHE A 280 -1.62 4.81 9.53
C PHE A 280 -1.50 6.18 8.89
N ASN A 281 -1.05 6.22 7.64
CA ASN A 281 -0.93 7.51 6.94
C ASN A 281 -2.22 8.22 6.78
N LYS A 282 -3.26 7.50 6.38
CA LYS A 282 -4.57 8.12 6.21
C LYS A 282 -5.09 8.62 7.55
N ASN A 283 -4.94 7.83 8.61
CA ASN A 283 -5.32 8.32 9.95
C ASN A 283 -4.47 9.49 10.43
N MET A 284 -3.17 9.39 10.26
CA MET A 284 -2.28 10.50 10.67
C MET A 284 -2.64 11.80 9.92
N ARG A 285 -2.82 11.68 8.60
CA ARG A 285 -3.21 12.83 7.80
C ARG A 285 -4.62 13.33 8.12
N ALA A 286 -5.55 12.43 8.46
CA ALA A 286 -6.87 12.85 8.95
C ALA A 286 -6.78 13.62 10.29
N HIS A 287 -5.92 13.16 11.20
CA HIS A 287 -5.72 13.85 12.49
C HIS A 287 -5.10 15.24 12.28
N ALA A 288 -4.22 15.34 11.29
CA ALA A 288 -3.65 16.64 10.93
C ALA A 288 -4.71 17.63 10.51
N LEU A 289 -5.65 17.18 9.66
CA LEU A 289 -6.73 18.05 9.21
C LEU A 289 -7.52 18.63 10.37
N GLU A 290 -7.92 17.79 11.33
CA GLU A 290 -8.69 18.28 12.50
C GLU A 290 -7.86 19.21 13.38
N LYS A 291 -6.55 19.02 13.39
CA LYS A 291 -5.66 19.98 14.06
C LYS A 291 -5.39 21.26 13.26
N GLY A 292 -5.80 21.31 12.00
CA GLY A 292 -5.62 22.49 11.15
C GLY A 292 -4.37 22.46 10.28
N PHE A 293 -3.84 21.24 10.03
CA PHE A 293 -2.68 21.03 9.17
C PHE A 293 -3.01 20.10 8.02
N THR A 294 -2.21 20.16 6.96
CA THR A 294 -2.25 19.16 5.88
C THR A 294 -0.84 18.63 5.61
N ILE A 295 -0.74 17.31 5.56
CA ILE A 295 0.51 16.64 5.42
C ILE A 295 0.47 15.92 4.08
N ASN A 296 1.57 16.02 3.35
CA ASN A 296 1.81 15.13 2.20
C ASN A 296 3.22 14.58 2.32
N GLU A 297 3.75 13.97 1.26
CA GLU A 297 5.06 13.33 1.35
C GLU A 297 6.20 14.35 1.27
N TYR A 298 5.86 15.61 1.07
CA TYR A 298 6.82 16.69 0.89
C TYR A 298 6.89 17.61 2.11
N THR A 299 5.70 18.03 2.56
CA THR A 299 5.57 19.08 3.56
C THR A 299 4.44 18.82 4.58
N ILE A 300 4.52 19.52 5.72
CA ILE A 300 3.37 19.77 6.58
C ILE A 300 3.08 21.26 6.56
N ARG A 301 1.85 21.62 6.25
N ARG A 301 1.85 21.62 6.22
CA ARG A 301 1.47 23.01 6.08
CA ARG A 301 1.45 23.01 5.98
C ARG A 301 0.27 23.29 6.97
C ARG A 301 0.23 23.32 6.86
N PRO A 302 0.16 24.54 7.43
CA PRO A 302 -1.06 24.90 8.17
C PRO A 302 -2.14 25.26 7.15
N LEU A 303 -3.40 25.01 7.49
CA LEU A 303 -4.50 25.47 6.64
C LEU A 303 -5.04 26.78 7.19
N GLY A 304 -5.26 27.76 6.33
CA GLY A 304 -5.84 29.04 6.78
C GLY A 304 -7.34 28.93 6.97
N VAL A 305 -7.97 30.05 7.37
CA VAL A 305 -9.44 30.10 7.55
C VAL A 305 -10.23 29.45 6.42
N THR A 306 -9.76 29.58 5.17
CA THR A 306 -10.52 29.08 4.02
C THR A 306 -10.15 27.63 3.64
N GLY A 307 -9.27 27.00 4.42
CA GLY A 307 -8.83 25.63 4.13
C GLY A 307 -7.74 25.57 3.07
N VAL A 308 -7.12 26.70 2.76
CA VAL A 308 -5.98 26.74 1.84
C VAL A 308 -4.70 26.65 2.66
N ALA A 309 -3.79 25.78 2.22
CA ALA A 309 -2.54 25.55 2.93
C ALA A 309 -1.62 26.74 2.77
N GLY A 310 -0.85 27.00 3.81
CA GLY A 310 0.15 28.06 3.81
C GLY A 310 1.54 27.49 3.67
N GLU A 311 2.54 28.25 4.11
CA GLU A 311 3.93 27.89 3.89
C GLU A 311 4.29 26.60 4.64
N PRO A 312 5.21 25.80 4.09
CA PRO A 312 5.68 24.62 4.83
C PRO A 312 6.32 25.01 6.16
N LEU A 313 6.11 24.19 7.19
CA LEU A 313 6.71 24.43 8.49
C LEU A 313 8.06 23.72 8.48
N PRO A 314 9.03 24.19 9.28
CA PRO A 314 10.29 23.45 9.31
C PRO A 314 10.13 22.10 10.00
N VAL A 315 10.87 21.11 9.50
CA VAL A 315 10.87 19.76 10.01
C VAL A 315 12.32 19.30 9.99
N ASP A 316 12.84 18.89 11.14
CA ASP A 316 14.22 18.41 11.25
C ASP A 316 14.26 16.92 11.63
N SER A 317 13.10 16.29 11.73
CA SER A 317 13.00 14.89 12.15
C SER A 317 11.57 14.41 11.91
N GLU A 318 11.40 13.09 11.88
CA GLU A 318 10.05 12.52 11.82
C GLU A 318 9.22 12.96 13.02
N LYS A 319 9.85 13.11 14.17
CA LYS A 319 9.10 13.44 15.38
C LYS A 319 8.50 14.84 15.32
N ASP A 320 9.17 15.76 14.61
CA ASP A 320 8.67 17.14 14.49
C ASP A 320 7.27 17.17 13.88
N ILE A 321 7.02 16.21 12.98
CA ILE A 321 5.75 16.12 12.29
C ILE A 321 4.69 15.70 13.30
N PHE A 322 4.98 14.66 14.07
CA PHE A 322 4.06 14.18 15.11
C PHE A 322 3.79 15.31 16.12
N ASP A 323 4.83 16.03 16.56
N ASP A 323 4.85 15.98 16.53
CA ASP A 323 4.66 17.13 17.53
CA ASP A 323 4.79 17.09 17.48
C ASP A 323 3.73 18.21 17.01
C ASP A 323 3.86 18.23 17.03
N TYR A 324 3.87 18.60 15.74
CA TYR A 324 3.01 19.66 15.21
C TYR A 324 1.52 19.30 15.33
N ILE A 325 1.18 18.03 15.18
CA ILE A 325 -0.22 17.60 15.28
C ILE A 325 -0.61 17.01 16.66
N GLN A 326 0.24 17.20 17.67
CA GLN A 326 0.00 16.72 19.04
C GLN A 326 -0.17 15.19 19.22
N TRP A 327 0.63 14.42 18.49
CA TRP A 327 0.71 12.97 18.68
C TRP A 327 2.07 12.61 19.26
N LYS A 328 2.08 11.64 20.17
CA LYS A 328 3.32 11.05 20.66
C LYS A 328 3.98 10.36 19.48
N TYR A 329 5.30 10.46 19.41
CA TYR A 329 6.03 9.80 18.35
C TYR A 329 5.73 8.31 18.43
N ARG A 330 5.62 7.69 17.26
CA ARG A 330 5.43 6.26 17.16
C ARG A 330 6.55 5.76 16.28
N GLU A 331 7.31 4.83 16.81
CA GLU A 331 8.38 4.18 16.07
C GLU A 331 7.78 3.43 14.88
N PRO A 332 8.54 3.29 13.76
CA PRO A 332 8.06 2.56 12.59
C PRO A 332 7.41 1.21 12.90
N LYS A 333 8.00 0.40 13.78
CA LYS A 333 7.37 -0.87 14.14
C LYS A 333 5.92 -0.69 14.64
N ASP A 334 5.62 0.43 15.28
CA ASP A 334 4.28 0.68 15.84
C ASP A 334 3.32 1.38 14.89
N ARG A 335 3.66 1.44 13.61
CA ARG A 335 2.77 2.06 12.60
C ARG A 335 2.12 1.01 11.72
N SER A 336 2.43 -0.26 12.00
CA SER A 336 1.78 -1.38 11.35
C SER A 336 0.44 -1.63 11.99
N GLU A 337 -0.38 -2.36 11.26
CA GLU A 337 -1.64 -2.77 11.78
C GLU A 337 -1.36 -3.90 12.76
N HIS A 338 -2.29 -4.15 13.64
CA HIS A 338 -2.13 -5.27 14.55
C HIS A 338 -3.45 -5.89 14.84
N HIS A 339 -3.39 -7.13 15.33
CA HIS A 339 -4.56 -7.83 15.72
C HIS A 339 -4.30 -8.47 17.08
N HIS A 340 -5.35 -9.03 17.67
CA HIS A 340 -5.26 -9.69 18.96
C HIS A 340 -5.69 -11.13 18.80
N HIS A 341 -5.45 -11.94 19.83
CA HIS A 341 -5.73 -13.38 19.79
C HIS A 341 -6.63 -13.84 20.91
N HIS A 342 -7.21 -15.02 20.72
CA HIS A 342 -7.98 -15.67 21.77
C HIS A 342 -7.41 -17.06 21.98
N HIS A 343 -7.72 -17.64 23.12
CA HIS A 343 -7.10 -18.88 23.55
C HIS A 343 -7.46 -20.06 22.63
P 8OG D 6 -9.99 11.45 6.36
OP1 8OG D 6 -9.61 10.09 6.91
OP2 8OG D 6 -10.49 12.53 7.27
O5' 8OG D 6 -8.73 12.14 5.59
C5' 8OG D 6 -7.79 11.43 4.78
C4' 8OG D 6 -6.50 12.25 4.64
O4' 8OG D 6 -5.42 11.44 4.20
C3' 8OG D 6 -6.59 13.33 3.59
O3' 8OG D 6 -5.61 14.34 3.92
C2' 8OG D 6 -6.23 12.63 2.31
C1' 8OG D 6 -5.16 11.67 2.81
N9 8OG D 6 -5.20 10.32 2.21
C8 8OG D 6 -4.15 9.51 2.09
N7 8OG D 6 -4.39 8.31 1.56
C5 8OG D 6 -5.70 8.34 1.32
C6 8OG D 6 -6.65 7.38 0.76
O6 8OG D 6 -6.20 6.29 0.38
N1 8OG D 6 -7.94 7.72 0.65
C2 8OG D 6 -8.38 8.92 1.08
N2 8OG D 6 -9.70 9.22 0.97
N3 8OG D 6 -7.57 9.86 1.62
C4 8OG D 6 -6.24 9.62 1.76
O8 8OG D 6 -2.94 9.89 2.42
O11 PPV E . 2.28 -1.54 1.66
P1 PPV E . 3.40 -1.78 2.63
O21 PPV E . 4.78 -1.66 2.07
O31 PPV E . 3.16 -1.00 3.92
OPP PPV E . 3.19 -3.32 2.96
P2 PPV E . 3.36 -4.53 1.90
O12 PPV E . 3.88 -3.94 0.57
O22 PPV E . 4.32 -5.41 2.66
O32 PPV E . 1.99 -5.12 1.83
MN MN F . 5.18 -0.92 -3.12
MN MN G . -1.94 -13.55 14.74
MN MN H . 5.24 -2.27 0.10
MN MN I . 7.90 20.90 17.50
MN MN J . -5.13 -3.21 20.16
NA NA K . -12.48 -17.42 16.40
NA NA L . -19.40 4.60 16.27
NA NA M . -5.40 -4.57 -9.89
NA NA N . -7.87 12.26 16.01
NA NA O . 17.04 21.43 14.11
NA NA P . 8.47 -15.90 -12.19
NA NA Q . 25.51 -5.17 1.40
CL CL R . 3.78 20.57 -1.01
CL CL S . -19.11 5.36 -2.04
CL CL T . 0.79 -3.36 8.45
CL CL U . -3.35 5.03 13.31
CL CL V . -13.66 8.34 1.75
CL CL W . -20.69 -14.83 5.10
C ACT X . -13.48 7.16 5.87
O ACT X . -13.12 7.63 6.98
OXT ACT X . -13.03 7.53 4.72
CH3 ACT X . -14.49 6.09 5.93
C ACT Y . -18.59 11.28 -2.98
O ACT Y . -18.38 11.88 -1.89
OXT ACT Y . -17.65 11.13 -3.81
CH3 ACT Y . -19.97 10.74 -3.27
C ACT Z . 8.50 16.99 -6.99
O ACT Z . 8.92 17.87 -6.17
OXT ACT Z . 8.11 15.84 -6.63
CH3 ACT Z . 8.50 17.32 -8.46
C ACT AA . 12.54 -3.19 -18.27
O ACT AA . 12.47 -2.56 -17.19
OXT ACT AA . 13.51 -3.91 -18.58
CH3 ACT AA . 11.41 -3.12 -19.25
C ACT BA . -0.64 -17.36 20.05
O ACT BA . -1.70 -17.01 19.49
OXT ACT BA . -0.54 -18.46 20.63
CH3 ACT BA . 0.53 -16.42 20.07
MN MN CA . 0.54 -1.59 -0.07
NA NA DA . -7.75 9.62 -2.37
NA NA EA . 5.87 4.95 -19.42
C ACT FA . -15.90 14.54 8.45
O ACT FA . -16.50 14.36 9.54
OXT ACT FA . -15.66 13.59 7.65
CH3 ACT FA . -15.52 15.95 8.08
#